data_8GA7
#
_entry.id   8GA7
#
_cell.length_a   46.412
_cell.length_b   65.062
_cell.length_c   135.284
_cell.angle_alpha   90.000
_cell.angle_beta   90.000
_cell.angle_gamma   90.000
#
_symmetry.space_group_name_H-M   'P 21 21 21'
#
_entity_poly.entity_id   1
_entity_poly.type   'polypeptide(L)'
_entity_poly.pdbx_seq_one_letter_code
;MSHHHHHHSGSGSGDKEIVEEVRKLVEEAKKRNEESNEEVKKLVEEAEEALKKAKGEEEVLKIAKEAFELAIEAAKRNLK
VAKEAFELVIEAIKAITDDEAVLRLAELAAELAKSQLESLLKIAEAAMRLAASAIKAAKGDEAIVEIVRLLVEVAEEINK
ASNAVVKFLVEVAKEALKVAKGEEVVLEIARLAFELAIEAAKINLEVARLAFELVITAIEAITDDEAVLRLAKLAAELAK
SQLESLLNIAEAAMELAASAIKAAKGDEAIVEIVRLLVEVAKEINKASNAVVEFLVEVAEEALRVAKGEEVVLEIARLAF
ELAIEAARINLEVARLAFELVITAIEAITDDEAVLKLAELAAELAKSQLESLLRIAEAAMRLAASAIKAAKGDEAIVEIV
RLLVEVAEEINKASNAVVEFLVEVAEEALRVAKGEEVVEEIAKLAKELADEAAKINEEVAKLAEELVKTAEEAITDDEAR
KKLRELAKKLRKSQEESKKRIKEAAEKLEASARKAAKG
;
_entity_poly.pdbx_strand_id   A
#
# COMPACT_ATOMS: atom_id res chain seq x y z
N ASP A 15 21.19 -22.22 26.49
CA ASP A 15 21.44 -20.84 26.10
C ASP A 15 22.05 -20.78 24.71
N LYS A 16 23.39 -20.81 24.64
CA LYS A 16 24.07 -20.86 23.35
C LYS A 16 23.91 -22.23 22.69
N GLU A 17 23.60 -23.27 23.46
CA GLU A 17 23.36 -24.58 22.88
C GLU A 17 22.01 -24.68 22.18
N ILE A 18 21.18 -23.64 22.27
CA ILE A 18 19.90 -23.61 21.58
C ILE A 18 19.82 -22.36 20.72
N VAL A 19 20.73 -21.41 20.96
CA VAL A 19 20.92 -20.33 20.00
C VAL A 19 21.62 -20.86 18.76
N GLU A 20 22.52 -21.83 18.93
CA GLU A 20 23.14 -22.49 17.78
C GLU A 20 22.15 -23.37 17.02
N GLU A 21 21.17 -23.93 17.74
CA GLU A 21 20.21 -24.82 17.09
C GLU A 21 19.36 -24.07 16.08
N VAL A 22 18.77 -22.95 16.49
CA VAL A 22 17.97 -22.15 15.58
C VAL A 22 18.83 -21.57 14.46
N ARG A 23 20.08 -21.23 14.77
CA ARG A 23 21.00 -20.77 13.72
C ARG A 23 21.14 -21.80 12.62
N LYS A 24 21.25 -23.08 12.99
CA LYS A 24 21.34 -24.15 12.00
C LYS A 24 20.01 -24.43 11.33
N LEU A 25 18.90 -24.10 11.97
CA LEU A 25 17.59 -24.30 11.35
C LEU A 25 17.35 -23.26 10.25
N VAL A 26 17.82 -22.03 10.46
CA VAL A 26 17.62 -20.99 9.46
C VAL A 26 18.42 -21.28 8.20
N GLU A 27 19.64 -21.81 8.37
CA GLU A 27 20.49 -22.10 7.21
C GLU A 27 19.83 -23.10 6.27
N GLU A 28 19.32 -24.21 6.82
CA GLU A 28 18.66 -25.20 5.99
C GLU A 28 17.38 -24.63 5.37
N ALA A 29 16.64 -23.83 6.13
CA ALA A 29 15.42 -23.23 5.58
C ALA A 29 15.74 -22.26 4.45
N LYS A 30 16.93 -21.65 4.48
CA LYS A 30 17.33 -20.75 3.40
C LYS A 30 17.87 -21.52 2.21
N LYS A 31 18.44 -22.70 2.43
CA LYS A 31 18.88 -23.56 1.33
C LYS A 31 17.73 -24.38 0.75
N ARG A 32 16.63 -24.53 1.49
CA ARG A 32 15.42 -25.09 0.89
C ARG A 32 14.71 -24.07 0.02
N ASN A 33 14.66 -22.81 0.47
CA ASN A 33 14.18 -21.73 -0.38
C ASN A 33 15.04 -21.60 -1.63
N GLU A 34 16.37 -21.69 -1.48
CA GLU A 34 17.25 -21.65 -2.63
C GLU A 34 16.98 -22.81 -3.58
N GLU A 35 16.59 -23.96 -3.06
CA GLU A 35 16.14 -25.06 -3.89
C GLU A 35 14.68 -24.88 -4.34
N SER A 36 13.91 -24.09 -3.59
CA SER A 36 12.49 -23.92 -3.92
C SER A 36 12.31 -23.26 -5.28
N ASN A 37 12.88 -22.06 -5.45
CA ASN A 37 12.77 -21.42 -6.75
C ASN A 37 13.74 -21.99 -7.77
N GLU A 38 14.71 -22.79 -7.35
CA GLU A 38 15.53 -23.52 -8.31
C GLU A 38 14.68 -24.50 -9.10
N GLU A 39 13.84 -25.28 -8.40
CA GLU A 39 12.90 -26.16 -9.09
C GLU A 39 11.84 -25.38 -9.86
N VAL A 40 11.70 -24.08 -9.58
CA VAL A 40 10.77 -23.24 -10.32
C VAL A 40 11.41 -22.71 -11.60
N LYS A 41 12.68 -22.32 -11.53
CA LYS A 41 13.37 -21.85 -12.73
C LYS A 41 13.45 -22.96 -13.77
N LYS A 42 13.76 -24.18 -13.33
CA LYS A 42 13.74 -25.31 -14.25
C LYS A 42 12.34 -25.62 -14.74
N LEU A 43 11.34 -25.43 -13.88
CA LEU A 43 9.96 -25.71 -14.26
C LEU A 43 9.49 -24.74 -15.35
N VAL A 44 9.92 -23.48 -15.26
CA VAL A 44 9.50 -22.48 -16.25
C VAL A 44 10.15 -22.77 -17.60
N GLU A 45 11.45 -23.05 -17.59
CA GLU A 45 12.17 -23.27 -18.85
C GLU A 45 11.59 -24.45 -19.62
N GLU A 46 11.14 -25.49 -18.91
CA GLU A 46 10.48 -26.62 -19.57
C GLU A 46 9.24 -26.15 -20.32
N ALA A 47 8.34 -25.45 -19.61
CA ALA A 47 7.13 -24.94 -20.24
C ALA A 47 7.46 -23.98 -21.37
N GLU A 48 8.51 -23.18 -21.23
CA GLU A 48 8.93 -22.31 -22.33
C GLU A 48 9.39 -23.13 -23.52
N GLU A 49 10.09 -24.24 -23.27
CA GLU A 49 10.51 -25.11 -24.36
C GLU A 49 9.31 -25.79 -25.01
N ALA A 50 8.31 -26.17 -24.21
CA ALA A 50 7.11 -26.78 -24.77
C ALA A 50 6.27 -25.75 -25.52
N LEU A 51 6.09 -24.57 -24.92
CA LEU A 51 5.35 -23.50 -25.60
C LEU A 51 6.00 -23.14 -26.93
N LYS A 52 7.34 -23.14 -26.98
CA LYS A 52 8.03 -22.81 -28.23
C LYS A 52 7.70 -23.80 -29.33
N LYS A 53 7.62 -25.09 -28.98
CA LYS A 53 7.41 -26.13 -29.98
C LYS A 53 5.96 -26.54 -30.15
N ALA A 54 5.12 -26.35 -29.14
CA ALA A 54 3.72 -26.77 -29.22
C ALA A 54 2.97 -25.89 -30.21
N LYS A 55 2.51 -26.48 -31.30
CA LYS A 55 1.71 -25.77 -32.30
C LYS A 55 0.23 -25.98 -31.97
N GLY A 56 -0.27 -25.13 -31.07
CA GLY A 56 -1.65 -25.21 -30.66
C GLY A 56 -2.23 -23.85 -30.30
N GLU A 57 -3.31 -23.85 -29.53
CA GLU A 57 -3.93 -22.62 -29.05
C GLU A 57 -4.72 -22.92 -27.77
N GLU A 58 -5.39 -24.06 -27.74
CA GLU A 58 -5.86 -24.61 -26.47
C GLU A 58 -4.75 -25.34 -25.72
N GLU A 59 -3.62 -25.57 -26.37
CA GLU A 59 -2.48 -26.21 -25.76
C GLU A 59 -1.49 -25.23 -25.14
N VAL A 60 -1.43 -24.00 -25.64
CA VAL A 60 -0.63 -22.97 -24.97
C VAL A 60 -1.25 -22.61 -23.63
N LEU A 61 -2.58 -22.70 -23.53
CA LEU A 61 -3.25 -22.33 -22.29
C LEU A 61 -3.15 -23.43 -21.24
N LYS A 62 -3.31 -24.69 -21.65
CA LYS A 62 -3.20 -25.79 -20.70
C LYS A 62 -1.78 -25.90 -20.14
N ILE A 63 -0.79 -25.44 -20.91
CA ILE A 63 0.59 -25.47 -20.42
C ILE A 63 0.79 -24.39 -19.36
N ALA A 64 0.38 -23.15 -19.68
CA ALA A 64 0.51 -22.07 -18.71
C ALA A 64 -0.34 -22.33 -17.47
N LYS A 65 -1.53 -22.92 -17.66
CA LYS A 65 -2.43 -23.16 -16.54
C LYS A 65 -1.77 -24.03 -15.48
N GLU A 66 -1.37 -25.25 -15.86
CA GLU A 66 -0.74 -26.15 -14.90
C GLU A 66 0.63 -25.66 -14.45
N ALA A 67 1.25 -24.75 -15.22
CA ALA A 67 2.51 -24.16 -14.78
C ALA A 67 2.28 -23.08 -13.73
N PHE A 68 1.24 -22.25 -13.92
CA PHE A 68 0.88 -21.28 -12.89
C PHE A 68 0.45 -21.99 -11.60
N GLU A 69 -0.23 -23.13 -11.73
CA GLU A 69 -0.66 -23.87 -10.55
C GLU A 69 0.52 -24.48 -9.82
N LEU A 70 1.53 -24.95 -10.55
CA LEU A 70 2.73 -25.46 -9.92
C LEU A 70 3.45 -24.37 -9.15
N ALA A 71 3.44 -23.14 -9.68
CA ALA A 71 4.08 -22.03 -8.98
C ALA A 71 3.28 -21.62 -7.75
N ILE A 72 1.95 -21.67 -7.82
CA ILE A 72 1.13 -21.35 -6.66
C ILE A 72 1.38 -22.35 -5.54
N GLU A 73 1.53 -23.63 -5.89
CA GLU A 73 1.82 -24.65 -4.88
C GLU A 73 3.20 -24.42 -4.27
N ALA A 74 4.21 -24.13 -5.11
CA ALA A 74 5.54 -23.84 -4.58
C ALA A 74 5.52 -22.63 -3.66
N ALA A 75 4.61 -21.69 -3.89
CA ALA A 75 4.43 -20.60 -2.95
C ALA A 75 3.83 -21.09 -1.64
N LYS A 76 2.85 -21.99 -1.72
CA LYS A 76 2.30 -22.58 -0.50
C LYS A 76 3.33 -23.47 0.19
N ARG A 77 4.28 -24.02 -0.56
CA ARG A 77 5.36 -24.80 0.05
C ARG A 77 6.26 -23.90 0.89
N ASN A 78 6.64 -22.74 0.35
CA ASN A 78 7.51 -21.83 1.08
C ASN A 78 6.88 -21.40 2.41
N LEU A 79 5.56 -21.28 2.46
CA LEU A 79 4.90 -20.97 3.72
C LEU A 79 4.95 -22.15 4.68
N LYS A 80 4.74 -23.36 4.17
CA LYS A 80 4.86 -24.55 5.00
C LYS A 80 6.24 -24.66 5.62
N VAL A 81 7.27 -24.23 4.90
CA VAL A 81 8.61 -24.20 5.48
C VAL A 81 8.72 -23.08 6.51
N ALA A 82 8.29 -21.87 6.14
CA ALA A 82 8.47 -20.73 7.01
C ALA A 82 7.63 -20.84 8.27
N LYS A 83 6.40 -21.37 8.16
CA LYS A 83 5.55 -21.51 9.33
C LYS A 83 6.12 -22.54 10.29
N GLU A 84 6.57 -23.69 9.78
CA GLU A 84 7.21 -24.68 10.64
C GLU A 84 8.51 -24.15 11.21
N ALA A 85 9.22 -23.31 10.46
CA ALA A 85 10.48 -22.76 10.95
C ALA A 85 10.24 -21.68 11.99
N PHE A 86 9.25 -20.81 11.77
CA PHE A 86 8.95 -19.78 12.77
C PHE A 86 8.39 -20.40 14.05
N GLU A 87 7.53 -21.42 13.91
CA GLU A 87 6.99 -22.10 15.09
C GLU A 87 8.09 -22.67 15.96
N LEU A 88 9.19 -23.13 15.35
CA LEU A 88 10.32 -23.63 16.13
C LEU A 88 11.05 -22.49 16.84
N VAL A 89 11.24 -21.36 16.16
CA VAL A 89 11.92 -20.22 16.77
C VAL A 89 11.15 -19.73 17.99
N ILE A 90 9.81 -19.78 17.92
CA ILE A 90 8.99 -19.43 19.08
C ILE A 90 9.28 -20.37 20.24
N GLU A 91 9.47 -21.66 19.95
CA GLU A 91 9.71 -22.64 21.00
C GLU A 91 11.02 -22.34 21.73
N ALA A 92 12.09 -22.09 20.99
CA ALA A 92 13.38 -21.79 21.62
C ALA A 92 13.34 -20.50 22.41
N ILE A 93 12.37 -19.63 22.14
CA ILE A 93 12.22 -18.42 22.94
C ILE A 93 11.58 -18.75 24.28
N LYS A 94 10.75 -19.79 24.34
CA LYS A 94 10.13 -20.19 25.60
C LYS A 94 11.18 -20.51 26.66
N ALA A 95 12.26 -21.18 26.26
CA ALA A 95 13.39 -21.42 27.15
C ALA A 95 14.20 -20.14 27.28
N ILE A 96 15.54 -20.25 27.34
CA ILE A 96 16.49 -19.14 27.28
C ILE A 96 16.16 -18.00 28.24
N THR A 97 17.02 -17.81 29.25
CA THR A 97 16.83 -16.72 30.20
C THR A 97 17.46 -15.43 29.69
N ASP A 98 18.51 -15.53 28.89
CA ASP A 98 19.34 -14.38 28.54
C ASP A 98 18.62 -13.50 27.52
N ASP A 99 18.36 -12.24 27.90
CA ASP A 99 17.87 -11.28 26.92
C ASP A 99 18.92 -10.95 25.88
N GLU A 100 20.20 -11.03 26.24
CA GLU A 100 21.27 -10.85 25.27
C GLU A 100 21.27 -11.95 24.22
N ALA A 101 20.47 -13.01 24.40
CA ALA A 101 20.38 -14.09 23.45
C ALA A 101 18.96 -14.36 22.98
N VAL A 102 17.99 -13.56 23.43
CA VAL A 102 16.73 -13.51 22.69
C VAL A 102 16.98 -12.68 21.42
N LEU A 103 17.73 -11.59 21.56
CA LEU A 103 18.06 -10.70 20.46
C LEU A 103 18.72 -11.47 19.32
N ARG A 104 19.65 -12.37 19.64
CA ARG A 104 20.19 -13.27 18.64
C ARG A 104 19.08 -14.05 17.94
N LEU A 105 18.20 -14.68 18.72
CA LEU A 105 17.08 -15.41 18.14
C LEU A 105 16.14 -14.50 17.37
N ALA A 106 16.04 -13.23 17.75
CA ALA A 106 15.17 -12.30 17.04
C ALA A 106 15.76 -11.89 15.69
N GLU A 107 17.08 -11.69 15.63
CA GLU A 107 17.71 -11.37 14.37
C GLU A 107 17.69 -12.56 13.41
N LEU A 108 17.73 -13.79 13.94
CA LEU A 108 17.69 -14.96 13.08
C LEU A 108 16.32 -15.12 12.40
N ALA A 109 15.25 -14.66 13.06
CA ALA A 109 13.94 -14.75 12.45
C ALA A 109 13.75 -13.72 11.35
N ALA A 110 14.29 -12.51 11.54
CA ALA A 110 14.22 -11.49 10.50
C ALA A 110 14.95 -11.93 9.24
N GLU A 111 16.12 -12.55 9.39
CA GLU A 111 16.86 -13.03 8.23
C GLU A 111 16.09 -14.15 7.53
N LEU A 112 15.37 -14.96 8.30
CA LEU A 112 14.60 -16.05 7.70
C LEU A 112 13.42 -15.52 6.88
N ALA A 113 12.68 -14.56 7.44
CA ALA A 113 11.52 -14.03 6.72
C ALA A 113 11.93 -13.21 5.51
N LYS A 114 13.07 -12.51 5.58
CA LYS A 114 13.58 -11.82 4.41
C LYS A 114 13.96 -12.81 3.31
N SER A 115 14.30 -14.05 3.69
CA SER A 115 14.61 -15.08 2.70
C SER A 115 13.35 -15.61 2.03
N GLN A 116 12.32 -15.91 2.82
CA GLN A 116 11.07 -16.40 2.26
C GLN A 116 10.45 -15.37 1.31
N LEU A 117 10.56 -14.08 1.64
CA LEU A 117 10.01 -13.05 0.78
C LEU A 117 10.85 -12.87 -0.47
N GLU A 118 12.17 -13.03 -0.37
CA GLU A 118 13.01 -13.02 -1.56
C GLU A 118 12.70 -14.22 -2.46
N SER A 119 12.48 -15.39 -1.85
CA SER A 119 12.09 -16.56 -2.62
C SER A 119 10.69 -16.41 -3.20
N LEU A 120 9.81 -15.68 -2.52
CA LEU A 120 8.46 -15.46 -3.04
C LEU A 120 8.49 -14.52 -4.24
N LEU A 121 9.32 -13.46 -4.18
CA LEU A 121 9.47 -12.58 -5.33
C LEU A 121 10.06 -13.33 -6.51
N LYS A 122 10.99 -14.25 -6.25
CA LYS A 122 11.60 -15.00 -7.34
C LYS A 122 10.62 -15.97 -7.98
N ILE A 123 9.65 -16.47 -7.23
CA ILE A 123 8.62 -17.34 -7.82
C ILE A 123 7.76 -16.54 -8.78
N ALA A 124 7.34 -15.33 -8.38
CA ALA A 124 6.50 -14.52 -9.23
C ALA A 124 7.23 -14.07 -10.49
N GLU A 125 8.53 -13.78 -10.36
CA GLU A 125 9.31 -13.39 -11.54
C GLU A 125 9.40 -14.53 -12.54
N ALA A 126 9.49 -15.77 -12.05
CA ALA A 126 9.50 -16.92 -12.96
C ALA A 126 8.13 -17.13 -13.58
N ALA A 127 7.06 -16.97 -12.79
CA ALA A 127 5.72 -16.98 -13.36
C ALA A 127 5.52 -15.82 -14.31
N MET A 128 6.13 -14.67 -14.01
CA MET A 128 6.08 -13.53 -14.93
C MET A 128 6.67 -13.89 -16.29
N ARG A 129 7.76 -14.65 -16.30
CA ARG A 129 8.36 -15.06 -17.57
C ARG A 129 7.46 -16.01 -18.32
N LEU A 130 6.82 -16.95 -17.61
CA LEU A 130 6.01 -17.97 -18.26
C LEU A 130 4.81 -17.34 -18.96
N ALA A 131 4.16 -16.38 -18.32
CA ALA A 131 3.01 -15.71 -18.94
C ALA A 131 3.41 -14.99 -20.22
N ALA A 132 4.58 -14.34 -20.21
CA ALA A 132 5.05 -13.67 -21.42
C ALA A 132 5.37 -14.67 -22.52
N SER A 133 5.91 -15.84 -22.13
CA SER A 133 6.13 -16.90 -23.12
C SER A 133 4.81 -17.46 -23.63
N ALA A 134 3.78 -17.49 -22.77
CA ALA A 134 2.47 -17.94 -23.21
C ALA A 134 1.77 -16.91 -24.10
N ILE A 135 2.17 -15.64 -23.99
CA ILE A 135 1.52 -14.58 -24.77
C ILE A 135 2.04 -14.55 -26.20
N LYS A 136 3.33 -14.83 -26.41
CA LYS A 136 3.87 -14.87 -27.77
C LYS A 136 3.26 -16.00 -28.57
N ALA A 137 3.18 -17.20 -27.98
CA ALA A 137 2.63 -18.37 -28.65
C ALA A 137 1.11 -18.42 -28.61
N ALA A 138 0.45 -17.32 -28.23
CA ALA A 138 -1.01 -17.23 -28.25
C ALA A 138 -1.40 -16.23 -29.33
N LYS A 139 -2.16 -16.70 -30.31
CA LYS A 139 -2.56 -15.85 -31.43
C LYS A 139 -3.90 -15.15 -31.18
N GLY A 140 -4.81 -15.79 -30.45
CA GLY A 140 -6.13 -15.23 -30.23
C GLY A 140 -6.21 -14.33 -29.01
N ASP A 141 -7.09 -13.32 -29.12
CA ASP A 141 -7.29 -12.40 -28.00
C ASP A 141 -7.88 -13.13 -26.80
N GLU A 142 -8.75 -14.12 -27.04
CA GLU A 142 -9.33 -14.87 -25.94
C GLU A 142 -8.28 -15.67 -25.18
N ALA A 143 -7.22 -16.09 -25.88
CA ALA A 143 -6.15 -16.82 -25.20
C ALA A 143 -5.29 -15.89 -24.36
N ILE A 144 -5.03 -14.67 -24.87
CA ILE A 144 -4.21 -13.71 -24.13
C ILE A 144 -4.88 -13.33 -22.81
N VAL A 145 -6.20 -13.14 -22.83
CA VAL A 145 -6.90 -12.67 -21.64
C VAL A 145 -6.98 -13.78 -20.59
N GLU A 146 -7.17 -15.02 -21.04
CA GLU A 146 -7.16 -16.14 -20.11
C GLU A 146 -5.78 -16.33 -19.47
N ILE A 147 -4.71 -15.89 -20.17
CA ILE A 147 -3.38 -15.96 -19.59
C ILE A 147 -3.23 -14.94 -18.47
N VAL A 148 -3.59 -13.68 -18.73
CA VAL A 148 -3.46 -12.63 -17.73
C VAL A 148 -4.32 -12.94 -16.52
N ARG A 149 -5.55 -13.42 -16.74
CA ARG A 149 -6.43 -13.79 -15.65
C ARG A 149 -5.82 -14.93 -14.82
N LEU A 150 -4.95 -15.74 -15.42
CA LEU A 150 -4.25 -16.78 -14.66
C LEU A 150 -3.02 -16.22 -13.95
N LEU A 151 -2.37 -15.20 -14.51
CA LEU A 151 -1.22 -14.59 -13.85
C LEU A 151 -1.66 -13.78 -12.64
N VAL A 152 -2.78 -13.05 -12.77
CA VAL A 152 -3.32 -12.31 -11.63
C VAL A 152 -3.63 -13.27 -10.48
N GLU A 153 -4.00 -14.51 -10.80
CA GLU A 153 -4.25 -15.52 -9.77
C GLU A 153 -2.96 -15.87 -9.04
N VAL A 154 -1.84 -15.99 -9.76
CA VAL A 154 -0.58 -16.32 -9.12
C VAL A 154 -0.10 -15.16 -8.26
N ALA A 155 -0.08 -13.95 -8.83
CA ALA A 155 0.40 -12.79 -8.09
C ALA A 155 -0.45 -12.49 -6.86
N GLU A 156 -1.73 -12.85 -6.90
CA GLU A 156 -2.59 -12.63 -5.74
C GLU A 156 -2.29 -13.62 -4.62
N GLU A 157 -1.78 -14.80 -4.95
CA GLU A 157 -1.29 -15.71 -3.92
C GLU A 157 0.12 -15.36 -3.46
N ILE A 158 0.84 -14.55 -4.24
CA ILE A 158 2.16 -14.09 -3.80
C ILE A 158 2.01 -13.03 -2.71
N ASN A 159 1.03 -12.14 -2.86
CA ASN A 159 0.73 -11.19 -1.78
C ASN A 159 0.27 -11.93 -0.53
N LYS A 160 -0.59 -12.93 -0.70
CA LYS A 160 -1.17 -13.63 0.44
C LYS A 160 -0.10 -14.40 1.22
N ALA A 161 0.86 -14.99 0.51
CA ALA A 161 1.97 -15.65 1.20
C ALA A 161 2.95 -14.64 1.77
N SER A 162 3.13 -13.50 1.10
CA SER A 162 4.02 -12.47 1.63
C SER A 162 3.48 -11.90 2.94
N ASN A 163 2.16 -11.68 3.01
CA ASN A 163 1.57 -11.20 4.26
C ASN A 163 1.58 -12.27 5.33
N ALA A 164 1.45 -13.55 4.94
CA ALA A 164 1.50 -14.62 5.93
C ALA A 164 2.87 -14.73 6.56
N VAL A 165 3.94 -14.53 5.78
CA VAL A 165 5.28 -14.50 6.34
C VAL A 165 5.43 -13.33 7.30
N VAL A 166 4.79 -12.20 6.98
CA VAL A 166 4.86 -11.03 7.85
C VAL A 166 4.08 -11.27 9.14
N LYS A 167 2.89 -11.87 9.03
CA LYS A 167 2.09 -12.14 10.23
C LYS A 167 2.79 -13.13 11.16
N PHE A 168 3.55 -14.06 10.60
CA PHE A 168 4.26 -15.03 11.42
C PHE A 168 5.57 -14.50 11.97
N LEU A 169 6.15 -13.47 11.34
CA LEU A 169 7.33 -12.84 11.92
C LEU A 169 6.95 -11.92 13.07
N VAL A 170 5.93 -11.09 12.87
CA VAL A 170 5.46 -10.22 13.96
C VAL A 170 4.90 -11.03 15.11
N GLU A 171 4.51 -12.29 14.86
CA GLU A 171 4.15 -13.18 15.96
C GLU A 171 5.39 -13.61 16.74
N VAL A 172 6.47 -13.93 16.02
CA VAL A 172 7.72 -14.29 16.68
C VAL A 172 8.22 -13.12 17.52
N ALA A 173 8.09 -11.90 17.00
CA ALA A 173 8.50 -10.72 17.76
C ALA A 173 7.66 -10.54 19.01
N LYS A 174 6.35 -10.81 18.92
CA LYS A 174 5.48 -10.67 20.09
C LYS A 174 5.90 -11.59 21.21
N GLU A 175 6.24 -12.84 20.88
CA GLU A 175 6.66 -13.79 21.91
C GLU A 175 7.99 -13.38 22.53
N ALA A 176 8.96 -12.97 21.70
CA ALA A 176 10.25 -12.52 22.20
C ALA A 176 10.12 -11.25 23.04
N LEU A 177 9.05 -10.48 22.86
CA LEU A 177 8.87 -9.27 23.65
C LEU A 177 8.46 -9.59 25.09
N LYS A 178 7.58 -10.58 25.26
CA LYS A 178 7.15 -10.97 26.61
C LYS A 178 8.33 -11.47 27.43
N VAL A 179 9.27 -12.17 26.79
CA VAL A 179 10.47 -12.63 27.49
C VAL A 179 11.44 -11.49 27.71
N ALA A 180 11.38 -10.44 26.90
CA ALA A 180 12.34 -9.36 26.97
C ALA A 180 12.16 -8.59 28.28
N LYS A 181 13.23 -8.51 29.07
CA LYS A 181 13.25 -7.71 30.29
C LYS A 181 13.96 -6.38 30.10
N GLY A 182 14.93 -6.32 29.19
CA GLY A 182 15.69 -5.10 28.97
C GLY A 182 15.11 -4.22 27.87
N GLU A 183 15.34 -2.91 28.01
CA GLU A 183 14.74 -1.94 27.10
C GLU A 183 15.38 -1.99 25.72
N GLU A 184 16.70 -1.81 25.66
CA GLU A 184 17.39 -1.77 24.38
C GLU A 184 17.20 -3.05 23.57
N VAL A 185 16.93 -4.18 24.23
CA VAL A 185 16.58 -5.39 23.51
C VAL A 185 15.23 -5.23 22.81
N VAL A 186 14.30 -4.51 23.44
CA VAL A 186 12.97 -4.33 22.86
C VAL A 186 13.04 -3.44 21.63
N LEU A 187 13.79 -2.34 21.70
CA LEU A 187 13.94 -1.47 20.54
C LEU A 187 14.54 -2.22 19.36
N GLU A 188 15.49 -3.10 19.64
CA GLU A 188 16.08 -3.90 18.57
C GLU A 188 15.04 -4.85 17.97
N ILE A 189 14.24 -5.50 18.81
CA ILE A 189 13.19 -6.38 18.31
C ILE A 189 12.21 -5.62 17.45
N ALA A 190 11.78 -4.44 17.91
CA ALA A 190 10.85 -3.62 17.14
C ALA A 190 11.50 -3.15 15.84
N ARG A 191 12.72 -2.62 15.92
CA ARG A 191 13.41 -2.14 14.73
C ARG A 191 13.63 -3.27 13.72
N LEU A 192 13.94 -4.48 14.20
CA LEU A 192 14.20 -5.58 13.29
C LEU A 192 12.94 -6.00 12.54
N ALA A 193 11.79 -5.97 13.20
CA ALA A 193 10.55 -6.42 12.59
C ALA A 193 9.82 -5.33 11.83
N PHE A 194 10.12 -4.06 12.09
CA PHE A 194 9.60 -3.00 11.24
C PHE A 194 10.29 -3.00 9.88
N GLU A 195 11.60 -3.21 9.87
CA GLU A 195 12.34 -3.28 8.60
C GLU A 195 11.82 -4.41 7.72
N LEU A 196 11.38 -5.51 8.33
CA LEU A 196 10.83 -6.60 7.52
C LEU A 196 9.49 -6.21 6.92
N ALA A 197 8.64 -5.52 7.68
CA ALA A 197 7.39 -5.04 7.13
C ALA A 197 7.66 -4.05 5.99
N ILE A 198 8.72 -3.25 6.13
CA ILE A 198 9.09 -2.33 5.05
C ILE A 198 9.64 -3.12 3.87
N GLU A 199 10.52 -4.08 4.14
CA GLU A 199 11.03 -4.93 3.06
C GLU A 199 9.89 -5.67 2.36
N ALA A 200 8.92 -6.15 3.13
CA ALA A 200 7.78 -6.84 2.53
C ALA A 200 6.87 -5.88 1.79
N ALA A 201 6.80 -4.62 2.22
CA ALA A 201 6.01 -3.62 1.50
C ALA A 201 6.59 -3.36 0.12
N LYS A 202 7.92 -3.41 -0.01
CA LYS A 202 8.55 -3.19 -1.31
C LYS A 202 8.53 -4.44 -2.17
N ILE A 203 8.50 -5.63 -1.56
CA ILE A 203 8.30 -6.85 -2.33
C ILE A 203 6.92 -6.84 -2.97
N ASN A 204 5.91 -6.37 -2.24
CA ASN A 204 4.57 -6.28 -2.81
C ASN A 204 4.51 -5.25 -3.93
N LEU A 205 5.27 -4.17 -3.81
CA LEU A 205 5.31 -3.16 -4.87
C LEU A 205 6.10 -3.67 -6.08
N GLU A 206 7.08 -4.55 -5.84
CA GLU A 206 7.85 -5.12 -6.96
C GLU A 206 7.00 -6.07 -7.78
N VAL A 207 6.28 -6.98 -7.11
CA VAL A 207 5.41 -7.91 -7.83
C VAL A 207 4.25 -7.20 -8.50
N ALA A 208 3.86 -6.02 -8.01
CA ALA A 208 2.82 -5.25 -8.68
C ALA A 208 3.32 -4.68 -9.99
N ARG A 209 4.50 -4.04 -9.97
CA ARG A 209 5.04 -3.45 -11.18
C ARG A 209 5.29 -4.51 -12.24
N LEU A 210 5.79 -5.68 -11.83
CA LEU A 210 6.02 -6.77 -12.78
C LEU A 210 4.71 -7.21 -13.43
N ALA A 211 3.70 -7.51 -12.61
CA ALA A 211 2.43 -7.97 -13.16
C ALA A 211 1.74 -6.88 -13.98
N PHE A 212 1.99 -5.61 -13.67
CA PHE A 212 1.40 -4.52 -14.46
C PHE A 212 2.05 -4.42 -15.83
N GLU A 213 3.37 -4.62 -15.92
CA GLU A 213 4.03 -4.56 -17.21
C GLU A 213 3.65 -5.75 -18.09
N LEU A 214 3.26 -6.88 -17.49
CA LEU A 214 2.76 -7.99 -18.30
C LEU A 214 1.42 -7.66 -18.92
N VAL A 215 0.52 -7.04 -18.15
CA VAL A 215 -0.75 -6.58 -18.71
C VAL A 215 -0.51 -5.61 -19.85
N ILE A 216 0.59 -4.86 -19.80
CA ILE A 216 0.94 -3.96 -20.90
C ILE A 216 1.30 -4.75 -22.15
N THR A 217 2.22 -5.71 -22.02
CA THR A 217 2.57 -6.52 -23.18
C THR A 217 1.40 -7.36 -23.66
N ALA A 218 0.48 -7.72 -22.75
CA ALA A 218 -0.76 -8.36 -23.16
C ALA A 218 -1.60 -7.40 -24.00
N ILE A 219 -1.59 -6.12 -23.65
CA ILE A 219 -2.34 -5.11 -24.40
C ILE A 219 -1.79 -4.99 -25.81
N GLU A 220 -0.46 -4.89 -25.94
CA GLU A 220 0.18 -4.69 -27.23
C GLU A 220 -0.03 -5.86 -28.19
N ALA A 221 -0.59 -6.97 -27.72
CA ALA A 221 -0.94 -8.09 -28.59
C ALA A 221 -2.41 -8.15 -28.94
N ILE A 222 -3.23 -7.29 -28.36
CA ILE A 222 -4.68 -7.35 -28.51
C ILE A 222 -5.11 -6.54 -29.72
N THR A 223 -6.10 -7.06 -30.45
CA THR A 223 -6.72 -6.35 -31.57
C THR A 223 -8.08 -5.76 -31.21
N ASP A 224 -8.95 -6.54 -30.59
CA ASP A 224 -10.30 -6.09 -30.28
C ASP A 224 -10.31 -5.14 -29.09
N ASP A 225 -11.31 -4.26 -29.07
CA ASP A 225 -11.53 -3.39 -27.92
C ASP A 225 -12.17 -4.14 -26.75
N GLU A 226 -12.69 -5.35 -26.97
CA GLU A 226 -13.31 -6.10 -25.89
C GLU A 226 -12.27 -6.58 -24.88
N ALA A 227 -11.16 -7.12 -25.38
CA ALA A 227 -10.12 -7.63 -24.48
C ALA A 227 -9.41 -6.49 -23.76
N VAL A 228 -9.27 -5.32 -24.40
CA VAL A 228 -8.61 -4.19 -23.77
C VAL A 228 -9.35 -3.77 -22.50
N LEU A 229 -10.67 -3.89 -22.49
CA LEU A 229 -11.43 -3.64 -21.28
C LEU A 229 -11.21 -4.75 -20.25
N ARG A 230 -11.10 -5.99 -20.72
CA ARG A 230 -10.87 -7.11 -19.81
C ARG A 230 -9.47 -7.05 -19.20
N LEU A 231 -8.50 -6.47 -19.90
CA LEU A 231 -7.18 -6.28 -19.31
C LEU A 231 -7.17 -5.10 -18.34
N ALA A 232 -8.06 -4.13 -18.51
CA ALA A 232 -8.19 -3.07 -17.51
C ALA A 232 -8.92 -3.57 -16.27
N LYS A 233 -9.93 -4.42 -16.45
CA LYS A 233 -10.59 -5.02 -15.30
C LYS A 233 -9.62 -5.92 -14.54
N LEU A 234 -8.80 -6.69 -15.27
CA LEU A 234 -7.82 -7.54 -14.62
C LEU A 234 -6.73 -6.72 -13.94
N ALA A 235 -6.44 -5.53 -14.46
CA ALA A 235 -5.47 -4.65 -13.81
C ALA A 235 -6.07 -4.00 -12.57
N ALA A 236 -7.36 -3.65 -12.61
CA ALA A 236 -8.02 -3.10 -11.43
C ALA A 236 -8.12 -4.13 -10.31
N GLU A 237 -8.29 -5.42 -10.67
CA GLU A 237 -8.37 -6.46 -9.66
C GLU A 237 -7.07 -6.55 -8.87
N LEU A 238 -5.94 -6.62 -9.58
CA LEU A 238 -4.65 -6.72 -8.90
C LEU A 238 -4.33 -5.47 -8.10
N ALA A 239 -4.81 -4.30 -8.55
CA ALA A 239 -4.50 -3.07 -7.85
C ALA A 239 -5.19 -3.01 -6.49
N LYS A 240 -6.45 -3.43 -6.40
CA LYS A 240 -7.09 -3.55 -5.10
C LYS A 240 -6.42 -4.64 -4.28
N SER A 241 -6.01 -5.73 -4.93
CA SER A 241 -5.29 -6.80 -4.22
C SER A 241 -3.97 -6.29 -3.65
N GLN A 242 -3.24 -5.49 -4.42
CA GLN A 242 -1.98 -4.93 -3.92
C GLN A 242 -2.23 -3.92 -2.82
N LEU A 243 -3.33 -3.17 -2.89
CA LEU A 243 -3.59 -2.13 -1.90
C LEU A 243 -4.06 -2.73 -0.57
N GLU A 244 -4.93 -3.74 -0.61
CA GLU A 244 -5.34 -4.40 0.62
C GLU A 244 -4.21 -5.24 1.20
N SER A 245 -3.31 -5.74 0.35
CA SER A 245 -2.15 -6.47 0.85
C SER A 245 -1.21 -5.55 1.62
N LEU A 246 -1.09 -4.29 1.19
CA LEU A 246 -0.29 -3.33 1.95
C LEU A 246 -1.01 -2.90 3.22
N LEU A 247 -2.34 -2.79 3.17
CA LEU A 247 -3.12 -2.45 4.36
C LEU A 247 -2.97 -3.51 5.44
N ASN A 248 -2.90 -4.79 5.03
CA ASN A 248 -2.68 -5.85 6.01
C ASN A 248 -1.28 -5.77 6.61
N ILE A 249 -0.28 -5.37 5.81
CA ILE A 249 1.06 -5.15 6.33
C ILE A 249 1.03 -4.04 7.38
N ALA A 250 0.35 -2.94 7.08
CA ALA A 250 0.24 -1.84 8.04
C ALA A 250 -0.45 -2.31 9.32
N GLU A 251 -1.48 -3.14 9.19
CA GLU A 251 -2.16 -3.67 10.37
C GLU A 251 -1.24 -4.61 11.15
N ALA A 252 -0.30 -5.28 10.46
CA ALA A 252 0.63 -6.16 11.15
C ALA A 252 1.61 -5.38 12.00
N ALA A 253 2.17 -4.30 11.43
CA ALA A 253 3.11 -3.47 12.19
C ALA A 253 2.42 -2.69 13.31
N MET A 254 1.10 -2.48 13.21
CA MET A 254 0.38 -1.79 14.26
C MET A 254 0.37 -2.61 15.55
N GLU A 255 0.01 -3.89 15.45
CA GLU A 255 -0.03 -4.75 16.63
C GLU A 255 1.35 -4.95 17.21
N LEU A 256 2.35 -5.16 16.35
CA LEU A 256 3.73 -5.26 16.80
C LEU A 256 4.16 -3.99 17.54
N ALA A 257 3.68 -2.83 17.07
CA ALA A 257 3.97 -1.58 17.76
C ALA A 257 3.26 -1.51 19.11
N ALA A 258 2.01 -1.97 19.16
CA ALA A 258 1.28 -1.96 20.43
C ALA A 258 1.88 -2.94 21.43
N SER A 259 2.23 -4.14 20.97
CA SER A 259 2.83 -5.12 21.87
C SER A 259 4.24 -4.72 22.29
N ALA A 260 4.97 -4.00 21.44
CA ALA A 260 6.28 -3.51 21.83
C ALA A 260 6.19 -2.41 22.88
N ILE A 261 5.04 -1.74 22.98
CA ILE A 261 4.85 -0.70 23.98
C ILE A 261 4.42 -1.26 25.32
N LYS A 262 3.63 -2.35 25.32
CA LYS A 262 3.21 -2.95 26.58
C LYS A 262 4.40 -3.39 27.41
N ALA A 263 5.51 -3.77 26.76
CA ALA A 263 6.74 -4.15 27.45
C ALA A 263 7.83 -3.10 27.29
N ALA A 264 7.45 -1.87 26.95
CA ALA A 264 8.43 -0.80 26.80
C ALA A 264 8.79 -0.23 28.16
N LYS A 265 10.09 -0.08 28.41
CA LYS A 265 10.57 0.37 29.71
C LYS A 265 10.08 1.79 30.02
N GLY A 266 10.60 2.78 29.31
CA GLY A 266 10.29 4.15 29.63
C GLY A 266 9.77 5.01 28.49
N ASP A 267 9.87 6.32 28.64
CA ASP A 267 9.30 7.25 27.67
C ASP A 267 10.16 7.35 26.42
N GLU A 268 11.49 7.40 26.58
CA GLU A 268 12.37 7.49 25.41
C GLU A 268 12.24 6.27 24.52
N ALA A 269 11.91 5.11 25.11
CA ALA A 269 11.71 3.89 24.34
C ALA A 269 10.38 3.86 23.62
N ILE A 270 9.39 4.63 24.07
CA ILE A 270 8.07 4.63 23.44
C ILE A 270 8.00 5.63 22.30
N VAL A 271 8.61 6.81 22.47
CA VAL A 271 8.74 7.75 21.38
C VAL A 271 9.51 7.10 20.22
N GLU A 272 10.55 6.33 20.53
CA GLU A 272 11.33 5.69 19.49
C GLU A 272 10.57 4.54 18.84
N ILE A 273 9.69 3.87 19.59
CA ILE A 273 8.84 2.84 18.99
C ILE A 273 7.82 3.46 18.05
N VAL A 274 7.24 4.60 18.44
CA VAL A 274 6.29 5.28 17.57
C VAL A 274 7.00 5.91 16.37
N ARG A 275 8.20 6.45 16.59
CA ARG A 275 8.98 7.01 15.49
C ARG A 275 9.25 5.95 14.43
N LEU A 276 9.66 4.76 14.86
CA LEU A 276 9.81 3.65 13.92
C LEU A 276 8.48 3.24 13.32
N LEU A 277 7.40 3.37 14.08
CA LEU A 277 6.07 3.01 13.57
C LEU A 277 5.66 3.94 12.44
N VAL A 278 5.88 5.25 12.62
CA VAL A 278 5.50 6.22 11.59
C VAL A 278 6.23 5.90 10.28
N GLU A 279 7.52 5.57 10.37
CA GLU A 279 8.30 5.32 9.17
C GLU A 279 7.71 4.17 8.35
N VAL A 280 7.20 3.14 9.02
CA VAL A 280 6.52 2.05 8.31
C VAL A 280 5.26 2.58 7.62
N ALA A 281 4.46 3.36 8.36
CA ALA A 281 3.25 3.93 7.77
C ALA A 281 3.57 4.83 6.58
N LYS A 282 4.76 5.44 6.57
CA LYS A 282 5.21 6.17 5.39
C LYS A 282 5.38 5.24 4.20
N GLU A 283 6.18 4.18 4.36
CA GLU A 283 6.40 3.23 3.28
C GLU A 283 5.10 2.65 2.76
N ILE A 284 4.10 2.50 3.62
CA ILE A 284 2.80 2.05 3.16
C ILE A 284 2.15 3.10 2.26
N ASN A 285 2.28 4.38 2.62
CA ASN A 285 1.73 5.44 1.78
C ASN A 285 2.50 5.55 0.46
N LYS A 286 3.82 5.39 0.51
CA LYS A 286 4.62 5.54 -0.70
C LYS A 286 4.51 4.32 -1.61
N ALA A 287 4.24 3.14 -1.04
CA ALA A 287 3.96 1.97 -1.86
C ALA A 287 2.55 2.04 -2.44
N SER A 288 1.58 2.49 -1.65
CA SER A 288 0.22 2.69 -2.16
C SER A 288 0.22 3.66 -3.33
N ASN A 289 0.97 4.76 -3.22
CA ASN A 289 1.05 5.72 -4.31
C ASN A 289 1.64 5.07 -5.56
N ALA A 290 2.72 4.31 -5.39
CA ALA A 290 3.42 3.76 -6.54
C ALA A 290 2.57 2.74 -7.30
N VAL A 291 1.75 1.96 -6.59
CA VAL A 291 0.90 0.99 -7.29
C VAL A 291 -0.30 1.65 -7.95
N VAL A 292 -0.71 2.83 -7.48
CA VAL A 292 -1.80 3.55 -8.13
C VAL A 292 -1.31 4.22 -9.40
N GLU A 293 -0.10 4.78 -9.37
CA GLU A 293 0.50 5.32 -10.59
C GLU A 293 0.69 4.23 -11.63
N PHE A 294 1.23 3.08 -11.21
CA PHE A 294 1.40 1.96 -12.15
C PHE A 294 0.07 1.54 -12.75
N LEU A 295 -1.00 1.56 -11.96
CA LEU A 295 -2.32 1.16 -12.48
C LEU A 295 -2.80 2.16 -13.53
N VAL A 296 -2.48 3.44 -13.35
CA VAL A 296 -2.97 4.45 -14.28
C VAL A 296 -2.28 4.33 -15.64
N GLU A 297 -0.99 3.98 -15.65
CA GLU A 297 -0.29 3.79 -16.91
C GLU A 297 -0.91 2.68 -17.73
N VAL A 298 -1.23 1.56 -17.09
CA VAL A 298 -1.90 0.45 -17.79
C VAL A 298 -3.22 0.94 -18.39
N ALA A 299 -3.96 1.76 -17.64
CA ALA A 299 -5.15 2.38 -18.20
C ALA A 299 -4.80 3.33 -19.34
N GLU A 300 -3.70 4.07 -19.20
CA GLU A 300 -3.27 4.97 -20.26
C GLU A 300 -2.83 4.19 -21.49
N GLU A 301 -2.13 3.06 -21.29
CA GLU A 301 -1.78 2.20 -22.42
C GLU A 301 -3.03 1.60 -23.05
N ALA A 302 -4.09 1.41 -22.26
CA ALA A 302 -5.34 0.86 -22.76
C ALA A 302 -6.27 1.91 -23.34
N LEU A 303 -6.14 3.18 -22.92
CA LEU A 303 -6.93 4.24 -23.53
C LEU A 303 -6.38 4.59 -24.92
N ARG A 304 -5.05 4.60 -25.06
CA ARG A 304 -4.43 4.91 -26.35
C ARG A 304 -4.89 3.93 -27.43
N VAL A 305 -5.06 2.66 -27.06
CA VAL A 305 -5.42 1.64 -28.05
C VAL A 305 -6.94 1.49 -28.21
N ALA A 306 -7.73 1.99 -27.27
CA ALA A 306 -9.17 1.86 -27.37
C ALA A 306 -9.71 2.75 -28.48
N LYS A 307 -10.53 2.18 -29.36
CA LYS A 307 -11.09 2.91 -30.48
C LYS A 307 -12.56 3.27 -30.29
N GLY A 308 -13.19 2.79 -29.23
CA GLY A 308 -14.62 3.00 -29.00
C GLY A 308 -14.87 3.74 -27.70
N GLU A 309 -15.83 4.66 -27.74
CA GLU A 309 -16.19 5.41 -26.53
C GLU A 309 -16.87 4.52 -25.51
N GLU A 310 -17.63 3.52 -25.96
CA GLU A 310 -18.21 2.55 -25.05
C GLU A 310 -17.16 1.76 -24.28
N VAL A 311 -15.90 1.80 -24.71
CA VAL A 311 -14.81 1.14 -24.02
C VAL A 311 -13.93 2.14 -23.27
N VAL A 312 -13.76 3.34 -23.82
CA VAL A 312 -12.96 4.36 -23.17
C VAL A 312 -13.56 4.76 -21.82
N LEU A 313 -14.89 4.93 -21.79
CA LEU A 313 -15.55 5.32 -20.55
C LEU A 313 -15.31 4.27 -19.46
N GLU A 314 -15.39 3.00 -19.83
CA GLU A 314 -15.25 1.89 -18.90
C GLU A 314 -13.86 1.80 -18.31
N ILE A 315 -12.85 2.36 -18.98
CA ILE A 315 -11.48 2.32 -18.48
C ILE A 315 -11.26 3.40 -17.43
N ALA A 316 -11.61 4.65 -17.76
CA ALA A 316 -11.46 5.74 -16.80
C ALA A 316 -12.31 5.50 -15.56
N ARG A 317 -13.55 5.04 -15.73
CA ARG A 317 -14.43 4.75 -14.61
C ARG A 317 -13.83 3.68 -13.71
N LEU A 318 -13.11 2.72 -14.30
CA LEU A 318 -12.48 1.68 -13.49
C LEU A 318 -11.22 2.20 -12.80
N ALA A 319 -10.47 3.08 -13.46
CA ALA A 319 -9.29 3.66 -12.84
C ALA A 319 -9.67 4.63 -11.73
N PHE A 320 -10.81 5.33 -11.87
CA PHE A 320 -11.23 6.27 -10.84
C PHE A 320 -11.72 5.55 -9.59
N GLU A 321 -12.39 4.41 -9.77
CA GLU A 321 -12.75 3.58 -8.62
C GLU A 321 -11.50 3.17 -7.84
N LEU A 322 -10.43 2.81 -8.57
CA LEU A 322 -9.18 2.46 -7.92
C LEU A 322 -8.63 3.65 -7.14
N ALA A 323 -8.59 4.83 -7.76
CA ALA A 323 -8.09 6.02 -7.08
C ALA A 323 -8.90 6.33 -5.83
N ILE A 324 -10.23 6.20 -5.93
CA ILE A 324 -11.07 6.43 -4.75
C ILE A 324 -10.75 5.43 -3.66
N GLU A 325 -10.73 4.15 -4.00
CA GLU A 325 -10.37 3.12 -3.02
C GLU A 325 -8.97 3.30 -2.50
N ALA A 326 -8.08 3.94 -3.27
CA ALA A 326 -6.74 4.23 -2.77
C ALA A 326 -6.77 5.28 -1.68
N ALA A 327 -7.64 6.30 -1.84
CA ALA A 327 -7.76 7.32 -0.81
C ALA A 327 -8.37 6.76 0.47
N ARG A 328 -9.22 5.74 0.35
CA ARG A 328 -9.82 5.13 1.53
C ARG A 328 -8.82 4.24 2.28
N ILE A 329 -7.99 3.50 1.55
CA ILE A 329 -6.94 2.71 2.19
C ILE A 329 -5.83 3.61 2.70
N ASN A 330 -5.56 4.71 2.00
CA ASN A 330 -4.70 5.75 2.56
C ASN A 330 -5.25 6.27 3.89
N LEU A 331 -6.56 6.25 4.05
CA LEU A 331 -7.19 6.79 5.25
C LEU A 331 -7.18 5.80 6.40
N GLU A 332 -7.38 4.51 6.11
CA GLU A 332 -7.34 3.51 7.16
C GLU A 332 -5.95 3.38 7.76
N VAL A 333 -4.93 3.32 6.90
CA VAL A 333 -3.54 3.28 7.38
C VAL A 333 -3.25 4.46 8.29
N ALA A 334 -3.79 5.64 7.95
CA ALA A 334 -3.67 6.80 8.82
C ALA A 334 -4.38 6.55 10.14
N ARG A 335 -5.62 6.03 10.09
CA ARG A 335 -6.38 5.80 11.31
C ARG A 335 -5.74 4.72 12.17
N LEU A 336 -5.15 3.69 11.54
CA LEU A 336 -4.41 2.70 12.30
C LEU A 336 -3.26 3.34 13.07
N ALA A 337 -2.45 4.14 12.37
CA ALA A 337 -1.30 4.76 13.00
C ALA A 337 -1.68 5.84 14.01
N PHE A 338 -2.91 6.34 13.96
CA PHE A 338 -3.30 7.43 14.84
C PHE A 338 -3.83 6.94 16.17
N GLU A 339 -4.58 5.82 16.19
CA GLU A 339 -4.96 5.21 17.45
C GLU A 339 -3.73 4.76 18.22
N LEU A 340 -2.72 4.24 17.51
CA LEU A 340 -1.50 3.81 18.15
C LEU A 340 -0.77 4.98 18.81
N VAL A 341 -0.75 6.13 18.14
CA VAL A 341 -0.14 7.32 18.73
C VAL A 341 -0.89 7.74 19.99
N ILE A 342 -2.23 7.64 19.96
CA ILE A 342 -3.02 7.91 21.16
C ILE A 342 -2.63 6.95 22.27
N THR A 343 -2.46 5.67 21.93
CA THR A 343 -2.08 4.67 22.94
C THR A 343 -0.73 4.97 23.55
N ALA A 344 0.23 5.42 22.74
CA ALA A 344 1.55 5.75 23.26
C ALA A 344 1.49 6.90 24.24
N ILE A 345 0.63 7.89 23.97
CA ILE A 345 0.48 9.04 24.88
C ILE A 345 -0.02 8.58 26.24
N GLU A 346 -0.84 7.53 26.28
CA GLU A 346 -1.37 7.04 27.56
C GLU A 346 -0.27 6.52 28.47
N ALA A 347 0.82 6.01 27.90
CA ALA A 347 1.91 5.44 28.67
C ALA A 347 3.09 6.39 28.82
N ILE A 348 2.88 7.68 28.59
CA ILE A 348 3.94 8.69 28.65
C ILE A 348 3.72 9.54 29.89
N THR A 349 4.79 9.71 30.68
CA THR A 349 4.75 10.54 31.88
C THR A 349 5.48 11.86 31.71
N ASP A 350 6.29 12.00 30.66
CA ASP A 350 7.10 13.20 30.45
C ASP A 350 6.44 14.12 29.44
N ASP A 351 6.37 15.41 29.77
CA ASP A 351 5.85 16.40 28.83
C ASP A 351 6.73 16.53 27.60
N GLU A 352 8.00 16.13 27.69
CA GLU A 352 8.87 16.16 26.51
C GLU A 352 8.53 15.02 25.56
N ALA A 353 8.29 13.82 26.09
CA ALA A 353 7.98 12.67 25.26
C ALA A 353 6.55 12.66 24.73
N VAL A 354 5.69 13.56 25.22
CA VAL A 354 4.33 13.66 24.72
C VAL A 354 4.28 14.76 23.66
N LEU A 355 5.18 15.73 23.77
CA LEU A 355 5.33 16.71 22.71
C LEU A 355 5.98 16.07 21.49
N LYS A 356 6.84 15.08 21.69
CA LYS A 356 7.48 14.34 20.61
C LYS A 356 6.61 13.21 20.07
N LEU A 357 5.42 12.99 20.65
CA LEU A 357 4.44 12.11 20.04
C LEU A 357 3.43 12.87 19.20
N ALA A 358 3.24 14.16 19.46
CA ALA A 358 2.40 14.98 18.60
C ALA A 358 3.11 15.35 17.30
N GLU A 359 4.42 15.58 17.35
CA GLU A 359 5.18 15.87 16.14
C GLU A 359 5.14 14.69 15.19
N LEU A 360 5.44 13.49 15.69
CA LEU A 360 5.41 12.30 14.85
C LEU A 360 4.00 12.00 14.35
N ALA A 361 2.98 12.46 15.05
CA ALA A 361 1.63 12.40 14.51
C ALA A 361 1.45 13.39 13.37
N ALA A 362 1.86 14.64 13.60
CA ALA A 362 1.75 15.65 12.54
C ALA A 362 2.66 15.35 11.37
N GLU A 363 3.67 14.50 11.55
CA GLU A 363 4.50 14.07 10.43
C GLU A 363 3.82 12.98 9.63
N LEU A 364 3.12 12.06 10.31
CA LEU A 364 2.33 11.07 9.59
C LEU A 364 1.13 11.69 8.89
N ALA A 365 0.67 12.87 9.34
CA ALA A 365 -0.44 13.55 8.68
C ALA A 365 0.01 14.21 7.39
N LYS A 366 1.17 14.89 7.40
CA LYS A 366 1.70 15.48 6.18
C LYS A 366 1.97 14.41 5.13
N SER A 367 2.29 13.19 5.55
CA SER A 367 2.57 12.12 4.61
C SER A 367 1.28 11.68 3.90
N GLN A 368 0.20 11.48 4.67
CA GLN A 368 -1.05 11.06 4.05
C GLN A 368 -1.60 12.11 3.09
N LEU A 369 -1.34 13.39 3.36
CA LEU A 369 -1.82 14.44 2.47
C LEU A 369 -0.99 14.52 1.19
N GLU A 370 0.34 14.47 1.31
CA GLU A 370 1.18 14.34 0.13
C GLU A 370 0.86 13.05 -0.62
N SER A 371 0.47 12.00 0.10
CA SER A 371 0.04 10.77 -0.54
C SER A 371 -1.32 10.95 -1.21
N LEU A 372 -2.24 11.65 -0.55
CA LEU A 372 -3.53 11.96 -1.15
C LEU A 372 -3.35 12.79 -2.42
N LEU A 373 -2.44 13.77 -2.38
CA LEU A 373 -2.23 14.63 -3.53
C LEU A 373 -1.69 13.85 -4.72
N ARG A 374 -0.71 12.97 -4.48
CA ARG A 374 -0.15 12.19 -5.58
C ARG A 374 -1.20 11.26 -6.20
N ILE A 375 -2.15 10.79 -5.40
CA ILE A 375 -3.29 10.07 -5.96
C ILE A 375 -4.10 10.99 -6.86
N ALA A 376 -4.40 12.20 -6.37
CA ALA A 376 -5.16 13.15 -7.16
C ALA A 376 -4.44 13.47 -8.46
N GLU A 377 -3.14 13.76 -8.39
CA GLU A 377 -2.37 14.06 -9.59
C GLU A 377 -2.37 12.88 -10.56
N ALA A 378 -2.50 11.66 -10.06
CA ALA A 378 -2.52 10.49 -10.93
C ALA A 378 -3.85 10.40 -11.68
N ALA A 379 -4.96 10.53 -10.96
CA ALA A 379 -6.27 10.54 -11.61
C ALA A 379 -6.44 11.74 -12.53
N MET A 380 -5.60 12.77 -12.40
CA MET A 380 -5.63 13.89 -13.33
C MET A 380 -5.18 13.45 -14.71
N ARG A 381 -3.94 12.99 -14.83
CA ARG A 381 -3.42 12.56 -16.12
C ARG A 381 -4.15 11.34 -16.66
N LEU A 382 -4.83 10.59 -15.80
CA LEU A 382 -5.71 9.53 -16.29
C LEU A 382 -6.87 10.12 -17.08
N ALA A 383 -7.56 11.09 -16.49
CA ALA A 383 -8.66 11.73 -17.20
C ALA A 383 -8.15 12.51 -18.41
N ALA A 384 -7.02 13.20 -18.26
CA ALA A 384 -6.44 13.94 -19.38
C ALA A 384 -6.22 13.03 -20.59
N SER A 385 -5.69 11.83 -20.35
CA SER A 385 -5.57 10.85 -21.43
C SER A 385 -6.94 10.38 -21.91
N ALA A 386 -7.94 10.35 -21.02
CA ALA A 386 -9.27 9.93 -21.42
C ALA A 386 -9.93 10.96 -22.33
N ILE A 387 -9.72 12.24 -22.05
CA ILE A 387 -10.21 13.29 -22.94
C ILE A 387 -9.70 13.08 -24.36
N LYS A 388 -8.38 12.93 -24.50
CA LYS A 388 -7.80 12.78 -25.83
C LYS A 388 -8.31 11.52 -26.53
N ALA A 389 -8.49 10.44 -25.78
CA ALA A 389 -9.04 9.21 -26.33
C ALA A 389 -10.55 9.25 -26.49
N ALA A 390 -11.18 10.38 -26.19
CA ALA A 390 -12.61 10.55 -26.35
C ALA A 390 -12.89 11.57 -27.44
N LYS A 391 -13.91 11.30 -28.26
CA LYS A 391 -14.35 12.23 -29.29
C LYS A 391 -15.86 12.41 -29.15
N GLY A 392 -16.27 13.64 -28.86
CA GLY A 392 -17.67 13.94 -28.61
C GLY A 392 -17.87 14.59 -27.25
N ASP A 393 -18.50 15.76 -27.23
CA ASP A 393 -18.62 16.53 -25.99
C ASP A 393 -19.33 15.75 -24.89
N GLU A 394 -20.20 14.81 -25.26
CA GLU A 394 -20.98 14.08 -24.25
C GLU A 394 -20.08 13.17 -23.42
N ALA A 395 -19.37 12.24 -24.10
CA ALA A 395 -18.49 11.33 -23.37
C ALA A 395 -17.40 12.08 -22.61
N ILE A 396 -17.10 13.30 -23.04
CA ILE A 396 -16.06 14.09 -22.37
C ILE A 396 -16.56 14.57 -21.01
N VAL A 397 -17.83 15.01 -20.95
CA VAL A 397 -18.39 15.52 -19.70
C VAL A 397 -18.48 14.42 -18.66
N GLU A 398 -18.85 13.21 -19.07
CA GLU A 398 -18.94 12.10 -18.11
C GLU A 398 -17.59 11.77 -17.51
N ILE A 399 -16.51 11.94 -18.26
CA ILE A 399 -15.17 11.71 -17.71
C ILE A 399 -14.86 12.74 -16.63
N VAL A 400 -15.21 14.01 -16.89
CA VAL A 400 -15.05 15.04 -15.87
C VAL A 400 -15.95 14.74 -14.66
N ARG A 401 -17.15 14.23 -14.92
CA ARG A 401 -18.03 13.80 -13.84
C ARG A 401 -17.34 12.80 -12.93
N LEU A 402 -16.92 11.67 -13.50
CA LEU A 402 -16.18 10.66 -12.75
C LEU A 402 -14.91 11.23 -12.14
N LEU A 403 -14.39 12.33 -12.69
CA LEU A 403 -13.15 12.93 -12.21
C LEU A 403 -13.39 13.71 -10.91
N VAL A 404 -14.34 14.66 -10.93
CA VAL A 404 -14.60 15.44 -9.72
C VAL A 404 -15.17 14.56 -8.61
N GLU A 405 -15.71 13.39 -8.94
CA GLU A 405 -16.00 12.40 -7.90
C GLU A 405 -14.75 12.02 -7.15
N VAL A 406 -13.65 11.77 -7.88
CA VAL A 406 -12.38 11.47 -7.24
C VAL A 406 -11.91 12.67 -6.43
N ALA A 407 -12.09 13.88 -6.97
CA ALA A 407 -11.65 15.09 -6.26
C ALA A 407 -12.45 15.29 -4.98
N GLU A 408 -13.75 14.99 -5.01
CA GLU A 408 -14.56 15.14 -3.81
C GLU A 408 -14.12 14.18 -2.70
N GLU A 409 -13.64 12.99 -3.07
CA GLU A 409 -13.11 12.04 -2.11
C GLU A 409 -11.66 12.33 -1.74
N ILE A 410 -11.03 13.32 -2.35
CA ILE A 410 -9.71 13.77 -1.91
C ILE A 410 -9.85 14.82 -0.81
N ASN A 411 -10.86 15.68 -0.90
CA ASN A 411 -11.14 16.63 0.17
C ASN A 411 -11.59 15.90 1.43
N LYS A 412 -12.54 14.97 1.30
CA LYS A 412 -13.08 14.27 2.46
C LYS A 412 -11.99 13.49 3.18
N ALA A 413 -11.14 12.78 2.44
CA ALA A 413 -10.02 12.08 3.05
C ALA A 413 -9.03 13.06 3.67
N SER A 414 -8.89 14.26 3.10
CA SER A 414 -8.02 15.26 3.70
C SER A 414 -8.59 15.77 5.02
N ASN A 415 -9.89 16.08 5.04
CA ASN A 415 -10.54 16.50 6.27
C ASN A 415 -10.39 15.44 7.36
N ALA A 416 -10.74 14.20 7.04
CA ALA A 416 -10.58 13.11 8.00
C ALA A 416 -9.15 12.97 8.49
N VAL A 417 -8.17 13.27 7.64
CA VAL A 417 -6.77 13.24 8.08
C VAL A 417 -6.51 14.33 9.11
N VAL A 418 -7.11 15.51 8.92
CA VAL A 418 -6.89 16.60 9.85
C VAL A 418 -7.63 16.36 11.16
N GLU A 419 -8.87 15.89 11.09
CA GLU A 419 -9.64 15.64 12.31
C GLU A 419 -9.01 14.54 13.16
N PHE A 420 -8.41 13.54 12.52
CA PHE A 420 -7.65 12.53 13.25
C PHE A 420 -6.47 13.16 13.98
N LEU A 421 -5.81 14.12 13.34
CA LEU A 421 -4.65 14.75 13.96
C LEU A 421 -5.06 15.66 15.11
N VAL A 422 -6.18 16.39 14.95
CA VAL A 422 -6.66 17.24 16.02
C VAL A 422 -7.12 16.40 17.20
N GLU A 423 -7.75 15.24 16.92
CA GLU A 423 -8.11 14.31 17.98
C GLU A 423 -6.88 13.88 18.77
N VAL A 424 -5.74 13.71 18.10
CA VAL A 424 -4.51 13.35 18.78
C VAL A 424 -3.98 14.53 19.59
N ALA A 425 -4.06 15.74 19.04
CA ALA A 425 -3.66 16.92 19.79
C ALA A 425 -4.51 17.10 21.04
N GLU A 426 -5.81 16.80 20.93
CA GLU A 426 -6.71 16.93 22.09
C GLU A 426 -6.28 16.02 23.24
N GLU A 427 -5.66 14.88 22.94
CA GLU A 427 -5.21 13.99 24.00
C GLU A 427 -3.86 14.41 24.56
N ALA A 428 -2.92 14.80 23.69
CA ALA A 428 -1.63 15.27 24.16
C ALA A 428 -1.77 16.54 25.00
N LEU A 429 -2.78 17.35 24.70
CA LEU A 429 -3.03 18.56 25.49
C LEU A 429 -3.49 18.19 26.90
N ARG A 430 -4.44 17.26 27.00
CA ARG A 430 -5.00 16.87 28.29
C ARG A 430 -3.95 16.26 29.21
N VAL A 431 -2.86 15.74 28.66
CA VAL A 431 -1.78 15.19 29.48
C VAL A 431 -0.63 16.18 29.65
N ALA A 432 -0.50 17.18 28.79
CA ALA A 432 0.59 18.13 28.87
C ALA A 432 0.40 19.10 30.04
N LYS A 433 0.94 18.74 31.21
CA LYS A 433 0.80 19.59 32.39
C LYS A 433 1.75 20.79 32.37
N GLY A 434 2.57 20.94 31.34
CA GLY A 434 3.47 22.07 31.21
C GLY A 434 2.93 23.09 30.23
N GLU A 435 3.31 24.36 30.44
CA GLU A 435 2.68 25.44 29.68
C GLU A 435 3.24 25.55 28.26
N GLU A 436 4.56 25.52 28.12
CA GLU A 436 5.16 25.61 26.79
C GLU A 436 4.85 24.40 25.93
N VAL A 437 4.50 23.27 26.55
CA VAL A 437 4.09 22.09 25.80
C VAL A 437 2.72 22.32 25.17
N VAL A 438 1.76 22.79 25.97
CA VAL A 438 0.48 23.26 25.42
C VAL A 438 0.70 24.23 24.26
N GLU A 439 1.63 25.18 24.41
CA GLU A 439 1.87 26.15 23.34
C GLU A 439 2.50 25.49 22.13
N GLU A 440 3.44 24.58 22.35
CA GLU A 440 4.11 23.92 21.22
C GLU A 440 3.15 23.01 20.46
N ILE A 441 2.33 22.24 21.19
CA ILE A 441 1.40 21.32 20.54
C ILE A 441 0.42 22.09 19.67
N ALA A 442 -0.01 23.27 20.12
CA ALA A 442 -0.90 24.09 19.31
C ALA A 442 -0.16 24.64 18.08
N LYS A 443 1.12 24.96 18.23
CA LYS A 443 1.89 25.50 17.12
C LYS A 443 1.96 24.49 15.97
N LEU A 444 2.57 23.33 16.22
CA LEU A 444 2.75 22.32 15.18
C LEU A 444 1.44 21.75 14.66
N ALA A 445 0.31 22.08 15.29
CA ALA A 445 -0.96 21.51 14.88
C ALA A 445 -1.67 22.38 13.84
N LYS A 446 -1.74 23.69 14.08
CA LYS A 446 -2.37 24.59 13.13
C LYS A 446 -1.64 24.63 11.80
N GLU A 447 -0.35 24.28 11.78
CA GLU A 447 0.39 24.28 10.52
C GLU A 447 -0.07 23.15 9.62
N LEU A 448 -0.40 21.99 10.19
CA LEU A 448 -0.98 20.91 9.40
C LEU A 448 -2.32 21.32 8.80
N ALA A 449 -3.03 22.26 9.42
CA ALA A 449 -4.22 22.83 8.80
C ALA A 449 -3.86 23.79 7.68
N ASP A 450 -2.79 24.56 7.85
CA ASP A 450 -2.27 25.37 6.76
C ASP A 450 -1.74 24.49 5.63
N GLU A 451 -1.10 23.37 5.98
CA GLU A 451 -0.69 22.41 4.96
C GLU A 451 -1.89 21.68 4.37
N ALA A 452 -2.98 21.56 5.14
CA ALA A 452 -4.19 20.94 4.62
C ALA A 452 -4.86 21.82 3.57
N ALA A 453 -5.04 23.10 3.89
CA ALA A 453 -5.62 24.03 2.92
C ALA A 453 -4.70 24.22 1.73
N LYS A 454 -3.40 24.01 1.91
CA LYS A 454 -2.47 24.10 0.79
C LYS A 454 -2.71 22.95 -0.20
N ILE A 455 -2.93 21.74 0.31
CA ILE A 455 -3.27 20.62 -0.58
C ILE A 455 -4.64 20.84 -1.22
N ASN A 456 -5.62 21.26 -0.42
CA ASN A 456 -6.96 21.47 -0.94
C ASN A 456 -6.97 22.49 -2.08
N GLU A 457 -6.03 23.42 -2.08
CA GLU A 457 -5.90 24.35 -3.20
C GLU A 457 -5.13 23.73 -4.35
N GLU A 458 -4.11 22.93 -4.06
CA GLU A 458 -3.37 22.25 -5.12
C GLU A 458 -4.26 21.29 -5.89
N VAL A 459 -5.13 20.57 -5.19
CA VAL A 459 -6.10 19.70 -5.85
C VAL A 459 -6.99 20.51 -6.79
N ALA A 460 -7.47 21.66 -6.31
CA ALA A 460 -8.42 22.45 -7.09
C ALA A 460 -7.79 22.97 -8.37
N LYS A 461 -6.58 23.55 -8.28
CA LYS A 461 -5.86 23.99 -9.47
C LYS A 461 -5.76 22.86 -10.48
N LEU A 462 -5.33 21.69 -10.02
CA LEU A 462 -5.25 20.51 -10.87
C LEU A 462 -6.58 20.23 -11.55
N ALA A 463 -7.66 20.19 -10.77
CA ALA A 463 -8.98 19.96 -11.33
C ALA A 463 -9.42 21.12 -12.22
N GLU A 464 -8.91 22.33 -11.96
CA GLU A 464 -9.29 23.48 -12.78
C GLU A 464 -8.71 23.36 -14.19
N GLU A 465 -7.48 22.84 -14.31
CA GLU A 465 -6.90 22.64 -15.63
C GLU A 465 -7.70 21.62 -16.43
N LEU A 466 -8.33 20.66 -15.76
CA LEU A 466 -8.98 19.56 -16.46
C LEU A 466 -10.33 19.97 -17.04
N VAL A 467 -11.11 20.78 -16.32
CA VAL A 467 -12.35 21.27 -16.88
C VAL A 467 -12.07 22.22 -18.04
N LYS A 468 -11.00 23.01 -17.94
CA LYS A 468 -10.59 23.85 -19.07
C LYS A 468 -10.16 22.98 -20.25
N THR A 469 -9.45 21.88 -19.97
CA THR A 469 -9.09 20.95 -21.03
C THR A 469 -10.34 20.38 -21.70
N ALA A 470 -11.32 19.99 -20.89
CA ALA A 470 -12.53 19.38 -21.45
C ALA A 470 -13.36 20.40 -22.24
N GLU A 471 -13.45 21.63 -21.74
CA GLU A 471 -14.24 22.65 -22.43
C GLU A 471 -13.66 22.98 -23.80
N GLU A 472 -12.35 22.79 -23.98
CA GLU A 472 -11.74 23.07 -25.27
C GLU A 472 -12.18 22.06 -26.33
N ALA A 473 -12.23 20.78 -25.97
CA ALA A 473 -12.66 19.73 -26.88
C ALA A 473 -14.17 19.52 -26.87
N ILE A 474 -14.94 20.60 -26.72
CA ILE A 474 -16.39 20.53 -26.58
C ILE A 474 -17.02 21.57 -27.49
N THR A 475 -18.15 21.21 -28.10
CA THR A 475 -18.89 22.04 -29.04
C THR A 475 -20.35 22.23 -28.65
N ASP A 476 -21.03 21.17 -28.22
CA ASP A 476 -22.48 21.17 -28.06
C ASP A 476 -22.85 21.95 -26.80
N ASP A 477 -23.40 23.15 -27.00
CA ASP A 477 -23.69 24.13 -25.95
C ASP A 477 -24.28 23.50 -24.69
N GLU A 478 -25.11 22.46 -24.85
CA GLU A 478 -25.68 21.79 -23.69
C GLU A 478 -24.59 21.18 -22.82
N ALA A 479 -23.60 20.53 -23.45
CA ALA A 479 -22.50 19.94 -22.70
C ALA A 479 -21.73 20.99 -21.91
N ARG A 480 -21.67 22.22 -22.42
CA ARG A 480 -21.03 23.30 -21.67
C ARG A 480 -21.81 23.61 -20.41
N LYS A 481 -23.14 23.53 -20.46
CA LYS A 481 -23.95 23.76 -19.26
C LYS A 481 -23.74 22.64 -18.23
N LYS A 482 -23.62 21.40 -18.70
CA LYS A 482 -23.30 20.31 -17.79
C LYS A 482 -21.91 20.48 -17.20
N LEU A 483 -20.93 20.80 -18.04
CA LEU A 483 -19.58 21.05 -17.55
C LEU A 483 -19.51 22.28 -16.65
N ARG A 484 -20.47 23.20 -16.79
CA ARG A 484 -20.51 24.34 -15.88
C ARG A 484 -21.09 23.94 -14.52
N GLU A 485 -22.07 23.04 -14.51
CA GLU A 485 -22.63 22.59 -13.25
C GLU A 485 -21.62 21.79 -12.43
N LEU A 486 -20.67 21.12 -13.09
CA LEU A 486 -19.65 20.37 -12.37
C LEU A 486 -18.59 21.30 -11.80
N ALA A 487 -18.20 22.33 -12.55
CA ALA A 487 -17.26 23.32 -12.02
C ALA A 487 -17.81 23.96 -10.77
N LYS A 488 -19.09 24.34 -10.78
CA LYS A 488 -19.73 24.85 -9.57
C LYS A 488 -19.75 23.78 -8.48
N LYS A 489 -19.91 22.51 -8.88
CA LYS A 489 -19.90 21.42 -7.91
C LYS A 489 -18.53 21.29 -7.25
N LEU A 490 -17.46 21.40 -8.03
CA LEU A 490 -16.13 21.18 -7.48
C LEU A 490 -15.75 22.29 -6.51
N ARG A 491 -15.90 23.56 -6.93
CA ARG A 491 -15.61 24.67 -6.02
C ARG A 491 -16.44 24.58 -4.75
N LYS A 492 -17.63 24.01 -4.83
CA LYS A 492 -18.48 23.85 -3.65
C LYS A 492 -17.85 22.88 -2.66
N SER A 493 -17.37 21.73 -3.15
CA SER A 493 -16.87 20.70 -2.27
C SER A 493 -15.57 21.11 -1.59
N GLN A 494 -14.70 21.81 -2.32
CA GLN A 494 -13.44 22.25 -1.73
C GLN A 494 -13.61 23.45 -0.80
N GLU A 495 -14.67 24.24 -0.98
CA GLU A 495 -14.96 25.31 -0.03
C GLU A 495 -15.51 24.73 1.28
N GLU A 496 -16.38 23.71 1.17
CA GLU A 496 -16.83 23.00 2.36
C GLU A 496 -15.67 22.32 3.07
N SER A 497 -14.78 21.66 2.30
CA SER A 497 -13.60 21.05 2.88
C SER A 497 -12.71 22.09 3.54
N LYS A 498 -12.59 23.27 2.93
CA LYS A 498 -11.84 24.35 3.56
C LYS A 498 -12.50 24.80 4.86
N LYS A 499 -13.83 24.76 4.92
CA LYS A 499 -14.53 25.13 6.14
C LYS A 499 -14.35 24.07 7.22
N ARG A 500 -14.48 22.80 6.86
CA ARG A 500 -14.33 21.71 7.83
C ARG A 500 -12.90 21.57 8.34
N ILE A 501 -11.95 22.31 7.77
CA ILE A 501 -10.58 22.32 8.28
C ILE A 501 -10.38 23.46 9.27
N LYS A 502 -10.93 24.64 8.97
CA LYS A 502 -10.86 25.76 9.91
C LYS A 502 -11.63 25.43 11.19
N GLU A 503 -12.75 24.73 11.07
CA GLU A 503 -13.51 24.34 12.26
C GLU A 503 -12.72 23.36 13.11
N ALA A 504 -11.81 22.59 12.51
CA ALA A 504 -10.94 21.71 13.29
C ALA A 504 -9.90 22.53 14.06
N ALA A 505 -9.23 23.46 13.37
CA ALA A 505 -8.27 24.32 14.04
C ALA A 505 -8.95 25.24 15.04
N GLU A 506 -10.21 25.61 14.78
CA GLU A 506 -10.95 26.41 15.75
C GLU A 506 -11.30 25.60 17.00
N LYS A 507 -11.73 24.36 16.81
CA LYS A 507 -12.01 23.49 17.95
C LYS A 507 -10.76 23.23 18.77
N LEU A 508 -9.60 23.19 18.11
CA LEU A 508 -8.33 22.91 18.79
C LEU A 508 -7.69 24.16 19.37
N GLU A 509 -7.84 25.31 18.74
CA GLU A 509 -7.36 26.55 19.33
C GLU A 509 -8.03 26.81 20.67
N ALA A 510 -9.25 26.32 20.85
CA ALA A 510 -9.96 26.38 22.13
C ALA A 510 -9.72 25.12 22.94
N SER A 511 -8.45 24.73 23.06
CA SER A 511 -8.05 23.60 23.90
C SER A 511 -6.73 23.93 24.56
N ALA A 512 -5.87 24.67 23.86
CA ALA A 512 -4.78 25.35 24.53
C ALA A 512 -5.30 26.48 25.42
N ARG A 513 -6.51 26.97 25.16
CA ARG A 513 -7.13 27.95 26.04
C ARG A 513 -7.50 27.31 27.38
N LYS A 514 -8.24 26.20 27.34
CA LYS A 514 -8.64 25.53 28.58
C LYS A 514 -7.42 25.02 29.35
N ALA A 515 -6.55 24.28 28.67
CA ALA A 515 -5.47 23.56 29.35
C ALA A 515 -4.32 24.45 29.79
N ALA A 516 -4.31 25.73 29.43
CA ALA A 516 -3.22 26.61 29.80
C ALA A 516 -3.75 27.83 30.57
N LYS A 517 -2.84 28.50 31.26
CA LYS A 517 -3.18 29.67 32.05
C LYS A 517 -3.20 30.93 31.19
#